data_5OB3
#
_entry.id   5OB3
#
_cell.length_a   150.700
_cell.length_b   48.500
_cell.length_c   30.100
_cell.angle_alpha   90.000
_cell.angle_beta   91.860
_cell.angle_gamma   90.000
#
_symmetry.space_group_name_H-M   'C 1 2 1'
#
loop_
_entity.id
_entity.type
_entity.pdbx_description
1 polymer 'RNA aptamer (69-MER)'
2 non-polymer 4-(3,5-difluoro-4-hydroxybenzyl)-1,2-dimethyl-1H-imidazol-5-ol
3 non-polymer 'POTASSIUM ION'
4 non-polymer SPERMINE
5 water water
#
_entity_poly.entity_id   1
_entity_poly.type   'polyribonucleotide'
_entity_poly.pdbx_seq_one_letter_code
;GGGAGUACGGUGAGGGUCGGGUCCAGUAGGUACGCCUACUGUUGAGUAGAGUGUGGGCUCCGUACUCCC
;
_entity_poly.pdbx_strand_id   A
#